data_5CXU
#
_entry.id   5CXU
#
_cell.length_a   101.870
_cell.length_b   101.870
_cell.length_c   52.480
_cell.angle_alpha   90.00
_cell.angle_beta   90.00
_cell.angle_gamma   90.00
#
_symmetry.space_group_name_H-M   'I 4'
#
loop_
_entity.id
_entity.type
_entity.pdbx_description
1 polymer 'ferulic acid esterase AmCE1/Fae1A'
2 non-polymer GLYCEROL
3 water water
#
_entity_poly.entity_id   1
_entity_poly.type   'polypeptide(L)'
_entity_poly.pdbx_seq_one_letter_code
;MSKLQISNTCPDKYRTKQEGVEYPTAKKITYYSKVTETERKMNVILPVGYDENKKYPVVYYLHGLMSYEDSMLEDDSTLA
IPTNLLKEGRAKEMIIVLPDVYAPKPGTAVTPDFNPEYYKGYDNFINELIEVIMPYMEEHYSILTGRENTALCGFSMGAR
TSLYIGYMRSDLIGYVGAFAPAPGITPGEDSFSGKHEGLISEDEFRAEIQPIVSLIDCGTNDSVVGQFPKSYHEILTRNN
QEHIWFEVPGADHDWNAISAGFYNFIQTTFGALNN
;
_entity_poly.pdbx_strand_id   A
#
# COMPACT_ATOMS: atom_id res chain seq x y z
N LYS A 3 -15.21 1.35 18.15
CA LYS A 3 -13.94 1.02 17.55
C LYS A 3 -13.50 2.08 16.51
N LEU A 4 -13.28 1.64 15.29
CA LEU A 4 -12.86 2.57 14.26
C LEU A 4 -14.03 3.39 13.72
N GLN A 5 -13.85 4.70 13.61
CA GLN A 5 -14.82 5.57 12.96
C GLN A 5 -14.28 5.91 11.59
N ILE A 6 -14.85 5.34 10.53
CA ILE A 6 -14.31 5.55 9.17
C ILE A 6 -14.68 6.96 8.69
N SER A 7 -13.67 7.69 8.23
CA SER A 7 -13.93 9.05 7.68
C SER A 7 -13.92 8.94 6.18
N ASN A 8 -15.00 9.39 5.53
CA ASN A 8 -15.02 9.32 4.08
C ASN A 8 -14.05 10.28 3.44
N THR A 9 -13.75 11.39 4.12
CA THR A 9 -12.76 12.38 3.66
C THR A 9 -11.67 12.57 4.74
N CYS A 10 -10.44 12.78 4.31
CA CYS A 10 -9.35 13.00 5.23
C CYS A 10 -9.30 14.46 5.66
N PRO A 11 -9.36 14.73 6.99
CA PRO A 11 -9.23 16.11 7.46
C PRO A 11 -7.89 16.71 7.05
N ASP A 12 -7.88 17.99 6.66
CA ASP A 12 -6.64 18.60 6.20
CA ASP A 12 -6.66 18.65 6.22
C ASP A 12 -5.54 18.55 7.27
N LYS A 13 -5.92 18.72 8.53
CA LYS A 13 -4.95 18.75 9.61
C LYS A 13 -4.12 17.47 9.66
N TYR A 14 -4.68 16.33 9.28
CA TYR A 14 -3.88 15.11 9.37
C TYR A 14 -3.01 14.86 8.15
N ARG A 15 -3.44 15.35 6.98
CA ARG A 15 -2.67 15.08 5.76
C ARG A 15 -1.68 16.21 5.45
N THR A 16 -1.63 17.23 6.29
CA THR A 16 -0.75 18.39 6.14
CA THR A 16 -0.65 18.28 6.06
C THR A 16 0.30 18.43 7.24
N LYS A 17 1.50 18.92 6.95
CA LYS A 17 2.50 19.07 7.98
C LYS A 17 2.17 20.28 8.84
N GLN A 18 2.09 20.07 10.15
CA GLN A 18 1.67 21.12 11.09
C GLN A 18 2.87 21.91 11.62
N GLU A 19 2.66 23.21 11.87
CA GLU A 19 3.73 24.08 12.35
C GLU A 19 4.28 23.57 13.68
N GLY A 20 5.60 23.56 13.81
CA GLY A 20 6.22 23.11 15.04
C GLY A 20 6.19 21.61 15.34
N VAL A 21 5.80 20.81 14.35
CA VAL A 21 5.87 19.35 14.47
C VAL A 21 6.98 18.79 13.59
N GLU A 22 7.84 17.92 14.15
CA GLU A 22 8.87 17.26 13.34
C GLU A 22 8.29 16.05 12.59
N TYR A 23 8.58 15.97 11.29
CA TYR A 23 8.16 14.85 10.47
C TYR A 23 9.38 14.00 10.04
N PRO A 24 9.14 12.72 9.80
CA PRO A 24 10.25 11.90 9.29
C PRO A 24 10.63 12.30 7.87
N THR A 25 11.80 11.85 7.43
CA THR A 25 12.30 12.16 6.09
C THR A 25 12.61 10.85 5.34
N ALA A 26 12.51 10.90 4.03
CA ALA A 26 12.82 9.73 3.21
C ALA A 26 14.30 9.68 2.92
N LYS A 27 14.89 8.47 2.96
CA LYS A 27 16.25 8.27 2.46
C LYS A 27 16.16 7.28 1.31
N LYS A 28 16.78 7.59 0.18
CA LYS A 28 16.76 6.69 -0.94
C LYS A 28 17.89 5.64 -0.85
N ILE A 29 17.48 4.39 -0.96
CA ILE A 29 18.35 3.23 -0.85
C ILE A 29 18.53 2.59 -2.22
N THR A 30 19.77 2.35 -2.61
CA THR A 30 20.03 1.67 -3.86
C THR A 30 20.49 0.25 -3.51
N TYR A 31 19.90 -0.76 -4.17
CA TYR A 31 20.23 -2.14 -3.83
C TYR A 31 20.19 -3.00 -5.08
N TYR A 32 20.67 -4.24 -4.96
CA TYR A 32 20.64 -5.13 -6.10
C TYR A 32 19.48 -6.12 -5.94
N SER A 33 18.75 -6.36 -7.02
CA SER A 33 17.67 -7.37 -7.01
C SER A 33 17.96 -8.59 -7.83
N LYS A 34 18.00 -9.76 -7.18
CA LYS A 34 18.19 -11.01 -7.89
C LYS A 34 16.91 -11.39 -8.65
N VAL A 35 15.82 -10.69 -8.36
CA VAL A 35 14.55 -10.96 -9.03
C VAL A 35 14.54 -10.24 -10.37
N THR A 36 14.93 -8.96 -10.41
CA THR A 36 14.96 -8.22 -11.70
C THR A 36 16.34 -8.32 -12.37
N GLU A 37 17.32 -8.83 -11.64
CA GLU A 37 18.74 -8.80 -12.06
C GLU A 37 19.21 -7.41 -12.47
N THR A 38 18.74 -6.41 -11.75
CA THR A 38 19.17 -5.02 -11.95
C THR A 38 19.35 -4.33 -10.60
N GLU A 39 20.06 -3.20 -10.64
CA GLU A 39 20.08 -2.31 -9.50
C GLU A 39 18.76 -1.58 -9.42
N ARG A 40 18.25 -1.45 -8.20
CA ARG A 40 16.95 -0.82 -7.97
C ARG A 40 17.02 0.17 -6.82
N LYS A 41 15.94 0.95 -6.65
CA LYS A 41 15.89 1.93 -5.57
C LYS A 41 14.58 1.82 -4.82
N MET A 42 14.63 2.24 -3.55
CA MET A 42 13.44 2.37 -2.71
C MET A 42 13.67 3.50 -1.72
N ASN A 43 12.59 4.11 -1.23
CA ASN A 43 12.75 5.04 -0.13
C ASN A 43 12.45 4.38 1.20
N VAL A 44 13.27 4.67 2.19
CA VAL A 44 13.01 4.20 3.54
C VAL A 44 12.81 5.41 4.41
N ILE A 45 11.69 5.41 5.12
CA ILE A 45 11.35 6.52 6.00
C ILE A 45 11.34 6.00 7.43
N LEU A 46 12.38 6.33 8.20
CA LEU A 46 12.45 5.87 9.59
C LEU A 46 11.63 6.81 10.48
N PRO A 47 11.05 6.29 11.57
CA PRO A 47 10.30 7.19 12.45
C PRO A 47 11.19 8.28 13.07
N VAL A 48 10.57 9.40 13.44
CA VAL A 48 11.26 10.41 14.22
C VAL A 48 11.77 9.81 15.53
N GLY A 49 13.02 10.07 15.84
CA GLY A 49 13.65 9.52 17.02
C GLY A 49 13.98 8.03 16.93
N TYR A 50 14.04 7.51 15.70
CA TYR A 50 14.41 6.10 15.45
C TYR A 50 15.55 5.64 16.36
N ASP A 51 15.27 4.59 17.12
CA ASP A 51 16.21 4.04 18.09
C ASP A 51 16.52 2.60 17.72
N GLU A 52 17.78 2.30 17.39
CA GLU A 52 18.11 0.96 16.91
C GLU A 52 17.95 -0.10 18.02
N ASN A 53 17.76 0.37 19.25
CA ASN A 53 17.51 -0.50 20.38
C ASN A 53 16.03 -0.82 20.55
N LYS A 54 15.19 -0.15 19.76
CA LYS A 54 13.77 -0.51 19.67
C LYS A 54 13.55 -1.22 18.35
N LYS A 55 12.42 -1.88 18.21
CA LYS A 55 12.05 -2.47 16.94
C LYS A 55 10.71 -1.92 16.49
N TYR A 56 10.56 -1.76 15.18
CA TYR A 56 9.41 -1.07 14.60
C TYR A 56 8.68 -1.91 13.57
N PRO A 57 7.35 -1.83 13.54
CA PRO A 57 6.60 -2.45 12.44
C PRO A 57 6.83 -1.67 11.16
N VAL A 58 6.46 -2.28 10.04
CA VAL A 58 6.78 -1.75 8.70
C VAL A 58 5.57 -1.71 7.78
N VAL A 59 5.36 -0.56 7.13
CA VAL A 59 4.34 -0.49 6.09
CA VAL A 59 4.34 -0.43 6.09
C VAL A 59 5.04 -0.29 4.75
N TYR A 60 4.68 -1.15 3.80
CA TYR A 60 5.16 -1.03 2.40
C TYR A 60 4.06 -0.38 1.61
N TYR A 61 4.38 0.74 0.94
CA TYR A 61 3.37 1.57 0.31
C TYR A 61 3.69 1.64 -1.17
N LEU A 62 2.80 1.13 -2.00
CA LEU A 62 3.08 0.89 -3.42
C LEU A 62 2.44 1.90 -4.36
N HIS A 63 3.27 2.53 -5.19
CA HIS A 63 2.80 3.46 -6.19
C HIS A 63 2.06 2.76 -7.33
N GLY A 64 1.33 3.56 -8.14
CA GLY A 64 0.79 3.13 -9.41
C GLY A 64 1.63 3.73 -10.55
N LEU A 65 1.00 3.89 -11.71
CA LEU A 65 1.74 4.45 -12.88
C LEU A 65 1.91 5.95 -12.65
N MET A 66 3.06 6.31 -12.06
CA MET A 66 3.32 7.66 -11.60
CA MET A 66 3.30 7.67 -11.59
C MET A 66 4.78 8.00 -11.86
N SER A 67 5.61 7.93 -10.80
CA SER A 67 7.05 8.24 -10.98
C SER A 67 7.94 7.42 -10.04
N TYR A 68 7.64 6.13 -9.97
CA TYR A 68 8.41 5.13 -9.22
C TYR A 68 8.53 5.47 -7.73
N GLU A 69 9.69 5.20 -7.12
CA GLU A 69 9.68 5.13 -5.64
C GLU A 69 9.39 6.45 -4.93
N ASP A 70 9.59 7.58 -5.62
CA ASP A 70 9.31 8.91 -5.05
C ASP A 70 7.82 9.25 -5.16
N SER A 71 7.04 8.45 -5.90
CA SER A 71 5.65 8.82 -6.20
C SER A 71 4.82 9.27 -4.99
N MET A 72 4.88 8.47 -3.93
CA MET A 72 3.95 8.73 -2.82
C MET A 72 4.42 9.88 -1.94
N LEU A 73 5.58 10.47 -2.27
CA LEU A 73 6.05 11.66 -1.56
C LEU A 73 5.58 12.95 -2.21
N GLU A 74 4.84 12.83 -3.32
CA GLU A 74 4.42 14.03 -4.08
C GLU A 74 3.35 14.81 -3.35
N ASP A 75 2.69 14.15 -2.42
CA ASP A 75 1.71 14.83 -1.56
C ASP A 75 2.15 14.53 -0.12
N ASP A 76 2.01 15.51 0.78
CA ASP A 76 2.55 15.36 2.15
C ASP A 76 1.77 14.37 3.03
N SER A 77 0.67 13.81 2.53
CA SER A 77 -0.15 12.90 3.33
C SER A 77 0.65 11.66 3.79
N THR A 78 1.56 11.19 2.94
CA THR A 78 2.32 10.01 3.29
C THR A 78 3.20 10.22 4.52
N LEU A 79 3.93 11.34 4.56
CA LEU A 79 4.79 11.63 5.70
C LEU A 79 3.98 12.18 6.88
N ALA A 80 2.88 12.88 6.60
CA ALA A 80 2.20 13.60 7.68
C ALA A 80 1.22 12.73 8.47
N ILE A 81 0.49 11.87 7.78
CA ILE A 81 -0.60 11.15 8.43
C ILE A 81 -0.11 10.30 9.63
N PRO A 82 0.97 9.50 9.47
CA PRO A 82 1.31 8.63 10.60
C PRO A 82 1.78 9.43 11.82
N THR A 83 2.53 10.48 11.59
CA THR A 83 3.02 11.31 12.69
C THR A 83 1.87 12.09 13.37
N ASN A 84 1.00 12.63 12.54
CA ASN A 84 -0.10 13.40 13.11
C ASN A 84 -1.07 12.54 13.93
N LEU A 85 -1.29 11.29 13.50
CA LEU A 85 -2.08 10.37 14.29
C LEU A 85 -1.31 9.98 15.55
N LEU A 86 -0.01 9.70 15.40
CA LEU A 86 0.81 9.29 16.54
C LEU A 86 0.72 10.30 17.70
N LYS A 87 0.70 11.58 17.35
CA LYS A 87 0.63 12.64 18.36
C LYS A 87 -0.62 12.55 19.23
N GLU A 88 -1.69 11.96 18.70
CA GLU A 88 -2.95 11.85 19.41
C GLU A 88 -3.10 10.45 19.97
N GLY A 89 -2.05 9.65 19.85
CA GLY A 89 -2.08 8.28 20.32
C GLY A 89 -2.91 7.40 19.41
N ARG A 90 -3.05 7.78 18.14
CA ARG A 90 -3.97 7.07 17.23
C ARG A 90 -3.26 6.27 16.14
N ALA A 91 -1.95 6.20 16.24
CA ALA A 91 -1.17 5.32 15.37
C ALA A 91 0.04 4.87 16.15
N LYS A 92 0.66 3.78 15.70
CA LYS A 92 1.93 3.35 16.29
C LYS A 92 3.12 3.96 15.56
N GLU A 93 4.27 4.05 16.25
CA GLU A 93 5.51 4.40 15.53
C GLU A 93 5.79 3.32 14.49
N MET A 94 6.24 3.72 13.30
CA MET A 94 6.44 2.72 12.24
C MET A 94 7.52 3.17 11.27
N ILE A 95 8.04 2.19 10.53
CA ILE A 95 8.88 2.45 9.37
C ILE A 95 8.06 2.36 8.10
N ILE A 96 8.22 3.33 7.18
CA ILE A 96 7.48 3.32 5.92
C ILE A 96 8.47 3.09 4.78
N VAL A 97 8.17 2.12 3.91
CA VAL A 97 9.04 1.80 2.77
C VAL A 97 8.25 2.10 1.50
N LEU A 98 8.83 2.88 0.58
CA LEU A 98 8.23 3.16 -0.74
C LEU A 98 9.07 2.44 -1.81
N PRO A 99 8.64 1.25 -2.27
CA PRO A 99 9.39 0.55 -3.32
C PRO A 99 9.15 1.13 -4.68
N ASP A 100 10.05 0.75 -5.60
CA ASP A 100 9.74 0.77 -7.03
C ASP A 100 9.04 -0.54 -7.35
N VAL A 101 7.74 -0.45 -7.68
CA VAL A 101 6.89 -1.63 -7.78
C VAL A 101 7.02 -2.33 -9.12
N TYR A 102 7.57 -1.65 -10.14
CA TYR A 102 7.66 -2.29 -11.43
C TYR A 102 8.91 -3.15 -11.47
N ALA A 103 8.70 -4.46 -11.29
CA ALA A 103 9.82 -5.41 -11.07
C ALA A 103 9.72 -6.58 -12.02
N PRO A 104 9.87 -6.32 -13.33
CA PRO A 104 9.72 -7.36 -14.35
C PRO A 104 10.86 -8.36 -14.31
N LYS A 105 10.57 -9.58 -14.73
CA LYS A 105 11.62 -10.60 -14.90
C LYS A 105 12.67 -10.10 -15.88
N PRO A 106 13.92 -10.55 -15.70
CA PRO A 106 14.98 -10.08 -16.59
C PRO A 106 14.65 -10.21 -18.10
N GLY A 107 14.94 -9.13 -18.83
CA GLY A 107 14.81 -9.12 -20.27
C GLY A 107 13.39 -8.85 -20.74
N THR A 108 12.48 -8.54 -19.80
CA THR A 108 11.05 -8.40 -20.16
C THR A 108 10.44 -7.03 -19.91
N ALA A 109 11.25 -6.07 -19.45
CA ALA A 109 10.74 -4.72 -19.21
C ALA A 109 10.16 -4.08 -20.47
N VAL A 110 8.98 -3.48 -20.34
CA VAL A 110 8.38 -2.66 -21.40
C VAL A 110 8.07 -1.28 -20.85
N THR A 111 7.79 -0.31 -21.73
CA THR A 111 7.48 1.03 -21.27
C THR A 111 6.12 1.02 -20.59
N PRO A 112 5.91 1.94 -19.64
CA PRO A 112 4.63 1.97 -18.96
C PRO A 112 3.42 2.08 -19.92
N ASP A 113 2.41 1.28 -19.64
CA ASP A 113 1.23 1.17 -20.49
C ASP A 113 0.14 0.61 -19.59
N PHE A 114 -1.10 1.10 -19.80
CA PHE A 114 -2.23 0.59 -19.02
C PHE A 114 -2.68 -0.68 -19.73
N ASN A 115 -1.95 -1.76 -19.50
CA ASN A 115 -2.09 -2.96 -20.32
C ASN A 115 -1.49 -4.13 -19.56
N PRO A 116 -2.12 -5.32 -19.63
CA PRO A 116 -1.61 -6.52 -18.94
C PRO A 116 -0.11 -6.83 -19.14
N GLU A 117 0.45 -6.54 -20.31
CA GLU A 117 1.87 -6.80 -20.53
C GLU A 117 2.80 -5.99 -19.61
N TYR A 118 2.49 -4.71 -19.46
CA TYR A 118 3.23 -3.93 -18.52
C TYR A 118 2.84 -4.38 -17.09
N TYR A 119 1.57 -4.68 -16.87
CA TYR A 119 1.15 -5.03 -15.51
C TYR A 119 1.88 -6.28 -14.99
N LYS A 120 2.40 -7.13 -15.88
CA LYS A 120 3.14 -8.33 -15.40
C LYS A 120 4.30 -7.97 -14.48
N GLY A 121 4.95 -6.84 -14.71
CA GLY A 121 6.03 -6.44 -13.83
C GLY A 121 5.54 -6.03 -12.44
N TYR A 122 4.33 -5.50 -12.36
CA TYR A 122 3.73 -5.26 -11.05
C TYR A 122 3.37 -6.60 -10.41
N ASP A 123 2.82 -7.53 -11.19
CA ASP A 123 2.48 -8.85 -10.62
C ASP A 123 3.72 -9.54 -10.05
N ASN A 124 4.85 -9.32 -10.70
CA ASN A 124 6.10 -9.95 -10.23
C ASN A 124 6.69 -9.29 -8.96
N PHE A 125 6.13 -8.17 -8.58
CA PHE A 125 6.60 -7.49 -7.39
C PHE A 125 6.43 -8.39 -6.14
N ILE A 126 5.49 -9.34 -6.18
CA ILE A 126 5.37 -10.27 -5.04
C ILE A 126 6.75 -10.90 -4.76
N ASN A 127 7.48 -11.27 -5.79
CA ASN A 127 8.78 -11.86 -5.59
C ASN A 127 9.84 -10.86 -5.17
N GLU A 128 9.78 -9.65 -5.72
CA GLU A 128 10.70 -8.62 -5.29
C GLU A 128 10.52 -8.31 -3.79
N LEU A 129 9.27 -8.17 -3.37
CA LEU A 129 8.98 -7.85 -1.98
C LEU A 129 9.45 -8.99 -1.08
N ILE A 130 9.06 -10.22 -1.39
CA ILE A 130 9.33 -11.31 -0.45
C ILE A 130 10.79 -11.80 -0.47
N GLU A 131 11.41 -11.86 -1.66
CA GLU A 131 12.75 -12.41 -1.77
C GLU A 131 13.87 -11.38 -1.60
N VAL A 132 13.57 -10.10 -1.83
CA VAL A 132 14.62 -9.09 -1.80
C VAL A 132 14.39 -7.97 -0.79
N ILE A 133 13.23 -7.32 -0.85
CA ILE A 133 13.05 -6.14 -0.02
C ILE A 133 12.81 -6.47 1.45
N MET A 134 11.94 -7.44 1.75
CA MET A 134 11.74 -7.80 3.16
C MET A 134 13.05 -8.28 3.82
N PRO A 135 13.84 -9.14 3.14
CA PRO A 135 15.12 -9.51 3.76
C PRO A 135 16.03 -8.29 3.89
N TYR A 136 16.02 -7.39 2.90
CA TYR A 136 16.80 -6.16 3.05
C TYR A 136 16.42 -5.42 4.34
N MET A 137 15.13 -5.19 4.57
CA MET A 137 14.70 -4.45 5.74
C MET A 137 15.08 -5.12 7.06
N GLU A 138 14.95 -6.43 7.10
CA GLU A 138 15.26 -7.15 8.34
C GLU A 138 16.75 -7.06 8.64
N GLU A 139 17.58 -7.04 7.59
CA GLU A 139 19.03 -7.09 7.80
C GLU A 139 19.68 -5.70 7.88
N HIS A 140 18.90 -4.65 7.61
CA HIS A 140 19.49 -3.31 7.65
C HIS A 140 18.88 -2.38 8.66
N TYR A 141 17.71 -2.76 9.22
CA TYR A 141 16.99 -1.89 10.17
C TYR A 141 16.41 -2.71 11.28
N SER A 142 16.08 -2.04 12.38
CA SER A 142 15.56 -2.72 13.56
CA SER A 142 15.55 -2.70 13.57
C SER A 142 14.05 -2.83 13.45
N ILE A 143 13.60 -3.93 12.84
CA ILE A 143 12.18 -4.13 12.56
C ILE A 143 11.59 -5.28 13.35
N LEU A 144 10.27 -5.19 13.53
CA LEU A 144 9.45 -6.30 14.02
C LEU A 144 9.00 -7.07 12.81
N THR A 145 9.01 -8.38 12.90
CA THR A 145 8.68 -9.21 11.75
C THR A 145 7.37 -9.92 12.04
N GLY A 146 6.81 -10.55 11.02
CA GLY A 146 5.60 -11.33 11.21
C GLY A 146 4.43 -10.52 10.74
N ARG A 147 3.32 -11.20 10.44
CA ARG A 147 2.18 -10.53 9.80
C ARG A 147 1.59 -9.44 10.69
N GLU A 148 1.66 -9.63 12.03
CA GLU A 148 1.11 -8.61 12.95
C GLU A 148 1.86 -7.28 12.87
N ASN A 149 3.06 -7.31 12.27
CA ASN A 149 3.90 -6.14 12.20
C ASN A 149 4.20 -5.70 10.79
N THR A 150 3.40 -6.17 9.86
CA THR A 150 3.68 -5.92 8.45
C THR A 150 2.42 -5.48 7.72
N ALA A 151 2.49 -4.30 7.11
CA ALA A 151 1.36 -3.77 6.35
C ALA A 151 1.76 -3.48 4.91
N LEU A 152 0.80 -3.63 4.03
CA LEU A 152 1.02 -3.39 2.59
C LEU A 152 -0.15 -2.60 2.05
N CYS A 153 0.12 -1.45 1.44
CA CYS A 153 -0.98 -0.66 0.88
C CYS A 153 -0.47 0.01 -0.37
N GLY A 154 -1.37 0.63 -1.14
CA GLY A 154 -0.90 1.18 -2.40
C GLY A 154 -2.05 1.90 -3.07
N PHE A 155 -1.70 2.52 -4.20
CA PHE A 155 -2.68 3.28 -5.00
C PHE A 155 -2.73 2.70 -6.42
N SER A 156 -3.95 2.54 -6.96
CA SER A 156 -4.18 2.18 -8.35
C SER A 156 -3.50 0.85 -8.67
N MET A 157 -2.57 0.78 -9.62
CA MET A 157 -1.91 -0.53 -9.85
C MET A 157 -1.16 -0.98 -8.57
N GLY A 158 -0.69 -0.05 -7.75
CA GLY A 158 -0.07 -0.43 -6.47
C GLY A 158 -1.07 -1.00 -5.48
N ALA A 159 -2.31 -0.49 -5.55
CA ALA A 159 -3.38 -1.04 -4.73
C ALA A 159 -3.85 -2.43 -5.21
N ARG A 160 -3.92 -2.64 -6.51
CA ARG A 160 -4.25 -3.96 -7.04
C ARG A 160 -3.19 -4.95 -6.55
N THR A 161 -1.93 -4.53 -6.63
CA THR A 161 -0.82 -5.39 -6.24
C THR A 161 -0.86 -5.64 -4.74
N SER A 162 -1.24 -4.64 -3.94
CA SER A 162 -1.36 -4.87 -2.50
CA SER A 162 -1.31 -4.88 -2.51
C SER A 162 -2.43 -5.89 -2.19
N LEU A 163 -3.57 -5.80 -2.86
CA LEU A 163 -4.63 -6.79 -2.64
C LEU A 163 -4.19 -8.18 -3.04
N TYR A 164 -3.57 -8.28 -4.22
CA TYR A 164 -3.10 -9.57 -4.72
C TYR A 164 -2.13 -10.23 -3.75
N ILE A 165 -1.09 -9.49 -3.37
CA ILE A 165 -0.08 -10.04 -2.40
C ILE A 165 -0.72 -10.24 -1.01
N GLY A 166 -1.56 -9.30 -0.59
CA GLY A 166 -2.16 -9.39 0.75
C GLY A 166 -3.00 -10.64 0.93
N TYR A 167 -3.71 -11.06 -0.12
CA TYR A 167 -4.55 -12.26 -0.03
C TYR A 167 -3.80 -13.53 -0.45
N MET A 168 -2.85 -13.43 -1.36
CA MET A 168 -2.11 -14.66 -1.72
C MET A 168 -1.11 -15.02 -0.65
N ARG A 169 -0.60 -14.04 0.08
CA ARG A 169 0.39 -14.31 1.12
C ARG A 169 -0.03 -13.65 2.44
N SER A 170 -1.29 -13.93 2.84
CA SER A 170 -1.81 -13.39 4.09
C SER A 170 -1.05 -13.89 5.32
N ASP A 171 -0.27 -14.95 5.14
CA ASP A 171 0.58 -15.42 6.20
C ASP A 171 1.70 -14.43 6.53
N LEU A 172 2.10 -13.60 5.56
CA LEU A 172 3.19 -12.63 5.78
C LEU A 172 2.65 -11.22 6.03
N ILE A 173 1.50 -10.91 5.45
CA ILE A 173 0.96 -9.54 5.46
C ILE A 173 -0.27 -9.47 6.40
N GLY A 174 -0.21 -8.69 7.49
CA GLY A 174 -1.36 -8.63 8.39
C GLY A 174 -2.37 -7.57 7.99
N TYR A 175 -1.90 -6.52 7.36
CA TYR A 175 -2.76 -5.35 7.08
C TYR A 175 -2.65 -4.98 5.61
N VAL A 176 -3.79 -4.89 4.93
CA VAL A 176 -3.84 -4.67 3.47
C VAL A 176 -4.71 -3.47 3.16
N GLY A 177 -4.16 -2.52 2.41
CA GLY A 177 -4.85 -1.27 2.12
C GLY A 177 -4.83 -1.01 0.62
N ALA A 178 -5.98 -0.81 0.02
CA ALA A 178 -6.04 -0.68 -1.45
C ALA A 178 -6.81 0.61 -1.75
N PHE A 179 -6.09 1.62 -2.22
CA PHE A 179 -6.71 2.89 -2.49
C PHE A 179 -6.90 3.00 -4.01
N ALA A 180 -8.17 2.99 -4.41
CA ALA A 180 -8.56 2.96 -5.82
C ALA A 180 -7.82 1.89 -6.65
N PRO A 181 -7.93 0.62 -6.27
CA PRO A 181 -7.26 -0.43 -7.04
C PRO A 181 -7.72 -0.55 -8.48
N ALA A 182 -6.71 -0.85 -9.31
CA ALA A 182 -6.92 -1.04 -10.73
C ALA A 182 -7.62 -2.36 -11.07
N PRO A 183 -8.24 -2.45 -12.27
CA PRO A 183 -8.86 -3.68 -12.78
C PRO A 183 -7.87 -4.81 -12.95
N GLY A 184 -8.38 -6.03 -12.90
CA GLY A 184 -7.64 -7.18 -13.35
C GLY A 184 -7.17 -8.19 -12.34
N ILE A 185 -7.43 -8.00 -11.06
CA ILE A 185 -7.19 -9.10 -10.13
C ILE A 185 -7.99 -10.33 -10.56
N THR A 186 -9.25 -10.08 -10.88
CA THR A 186 -10.18 -11.08 -11.37
C THR A 186 -10.58 -10.70 -12.81
N PRO A 187 -11.21 -11.63 -13.53
CA PRO A 187 -11.65 -11.35 -14.91
C PRO A 187 -12.59 -10.15 -15.00
N GLY A 188 -12.42 -9.31 -16.00
CA GLY A 188 -13.25 -8.13 -16.12
C GLY A 188 -13.00 -7.38 -17.41
N GLU A 189 -13.89 -6.44 -17.72
CA GLU A 189 -13.84 -5.72 -19.00
C GLU A 189 -13.72 -4.23 -18.77
N GLY A 194 -9.42 -2.13 -21.08
CA GLY A 194 -9.54 -3.27 -21.98
C GLY A 194 -10.00 -4.54 -21.28
N LYS A 195 -9.79 -5.68 -21.93
CA LYS A 195 -10.11 -6.99 -21.34
C LYS A 195 -9.02 -7.52 -20.43
N HIS A 196 -9.41 -7.91 -19.23
CA HIS A 196 -8.49 -8.50 -18.27
C HIS A 196 -8.90 -9.94 -18.03
N GLU A 197 -7.98 -10.87 -18.28
CA GLU A 197 -8.33 -12.26 -18.11
C GLU A 197 -8.32 -12.63 -16.60
N GLY A 198 -7.71 -11.77 -15.78
CA GLY A 198 -7.68 -11.94 -14.34
C GLY A 198 -6.46 -12.71 -13.87
N LEU A 199 -5.86 -12.27 -12.77
CA LEU A 199 -4.80 -13.00 -12.10
C LEU A 199 -5.32 -14.33 -11.52
N ILE A 200 -6.55 -14.29 -11.02
CA ILE A 200 -7.21 -15.39 -10.34
C ILE A 200 -8.71 -15.30 -10.65
N SER A 201 -9.46 -16.37 -10.39
CA SER A 201 -10.92 -16.28 -10.55
C SER A 201 -11.56 -15.53 -9.37
N GLU A 202 -12.79 -15.09 -9.56
CA GLU A 202 -13.52 -14.42 -8.47
C GLU A 202 -13.60 -15.34 -7.25
N ASP A 203 -13.85 -16.63 -7.47
CA ASP A 203 -14.04 -17.55 -6.34
C ASP A 203 -12.72 -17.83 -5.62
N GLU A 204 -11.61 -17.51 -6.27
CA GLU A 204 -10.27 -17.66 -5.68
C GLU A 204 -9.78 -16.45 -4.88
N PHE A 205 -10.53 -15.35 -4.92
CA PHE A 205 -10.09 -14.12 -4.32
C PHE A 205 -10.44 -14.20 -2.82
N ARG A 206 -9.55 -14.81 -2.07
CA ARG A 206 -9.73 -14.97 -0.64
C ARG A 206 -8.45 -15.54 -0.05
N ALA A 207 -8.45 -15.72 1.26
CA ALA A 207 -7.26 -16.27 1.94
C ALA A 207 -7.67 -17.28 2.98
N GLU A 208 -6.81 -18.26 3.26
CA GLU A 208 -7.06 -19.24 4.32
C GLU A 208 -6.86 -18.63 5.70
N ILE A 209 -6.10 -17.53 5.76
CA ILE A 209 -5.94 -16.77 7.00
C ILE A 209 -6.35 -15.34 6.71
N GLN A 210 -7.33 -14.81 7.45
CA GLN A 210 -7.81 -13.46 7.12
C GLN A 210 -6.80 -12.39 7.44
N PRO A 211 -6.70 -11.39 6.58
CA PRO A 211 -6.02 -10.18 7.02
C PRO A 211 -6.54 -9.70 8.36
N ILE A 212 -5.65 -9.20 9.20
CA ILE A 212 -6.08 -8.52 10.42
C ILE A 212 -6.96 -7.31 10.07
N VAL A 213 -6.52 -6.52 9.09
CA VAL A 213 -7.33 -5.48 8.49
C VAL A 213 -7.18 -5.51 6.98
N SER A 214 -8.31 -5.48 6.28
CA SER A 214 -8.32 -5.28 4.81
C SER A 214 -9.18 -4.07 4.55
N LEU A 215 -8.70 -3.16 3.71
CA LEU A 215 -9.38 -1.88 3.53
C LEU A 215 -9.26 -1.49 2.07
N ILE A 216 -10.39 -1.09 1.49
CA ILE A 216 -10.47 -0.65 0.08
C ILE A 216 -11.24 0.66 0.02
N ASP A 217 -10.72 1.68 -0.66
CA ASP A 217 -11.59 2.87 -0.89
C ASP A 217 -11.48 3.26 -2.38
N CYS A 218 -12.31 4.22 -2.75
CA CYS A 218 -12.30 4.73 -4.11
C CYS A 218 -13.11 6.03 -4.10
N GLY A 219 -12.71 7.02 -4.91
CA GLY A 219 -13.61 8.15 -5.10
C GLY A 219 -14.84 7.74 -5.89
N THR A 220 -15.94 8.48 -5.73
CA THR A 220 -17.15 8.13 -6.45
C THR A 220 -17.08 8.50 -7.94
N ASN A 221 -16.08 9.31 -8.31
CA ASN A 221 -15.92 9.85 -9.65
C ASN A 221 -14.57 9.46 -10.22
N ASP A 222 -14.07 8.26 -9.92
CA ASP A 222 -12.74 7.89 -10.43
C ASP A 222 -12.73 7.55 -11.92
N SER A 223 -12.06 8.39 -12.70
CA SER A 223 -12.06 8.27 -14.14
C SER A 223 -11.09 7.27 -14.74
N VAL A 224 -10.31 6.64 -13.89
CA VAL A 224 -9.24 5.74 -14.33
C VAL A 224 -9.60 4.31 -13.97
N VAL A 225 -10.06 4.06 -12.75
CA VAL A 225 -10.40 2.67 -12.38
C VAL A 225 -11.92 2.46 -12.16
N GLY A 226 -12.71 3.53 -12.32
CA GLY A 226 -14.17 3.37 -12.34
C GLY A 226 -14.76 2.60 -11.20
N GLN A 227 -15.51 1.56 -11.56
CA GLN A 227 -16.22 0.74 -10.56
C GLN A 227 -15.45 -0.51 -10.18
N PHE A 228 -14.18 -0.63 -10.59
CA PHE A 228 -13.46 -1.86 -10.27
C PHE A 228 -13.20 -2.01 -8.75
N PRO A 229 -12.87 -0.94 -8.03
CA PRO A 229 -12.77 -1.14 -6.57
C PRO A 229 -14.06 -1.62 -5.95
N LYS A 230 -15.20 -1.05 -6.35
CA LYS A 230 -16.47 -1.54 -5.83
C LYS A 230 -16.67 -3.02 -6.20
N SER A 231 -16.23 -3.42 -7.38
CA SER A 231 -16.41 -4.82 -7.77
C SER A 231 -15.60 -5.71 -6.84
N TYR A 232 -14.38 -5.28 -6.47
CA TYR A 232 -13.58 -6.07 -5.53
C TYR A 232 -14.28 -6.15 -4.18
N HIS A 233 -14.83 -5.03 -3.72
CA HIS A 233 -15.65 -5.04 -2.50
C HIS A 233 -16.76 -6.07 -2.61
N GLU A 234 -17.44 -6.15 -3.76
CA GLU A 234 -18.56 -7.08 -3.94
C GLU A 234 -18.09 -8.53 -3.95
N ILE A 235 -16.98 -8.79 -4.66
CA ILE A 235 -16.42 -10.14 -4.70
C ILE A 235 -15.96 -10.61 -3.30
N LEU A 236 -15.19 -9.77 -2.62
CA LEU A 236 -14.76 -10.14 -1.26
C LEU A 236 -15.96 -10.38 -0.33
N THR A 237 -17.02 -9.57 -0.48
CA THR A 237 -18.19 -9.81 0.33
C THR A 237 -18.81 -11.17 0.04
N ARG A 238 -18.95 -11.51 -1.25
CA ARG A 238 -19.52 -12.79 -1.66
C ARG A 238 -18.71 -13.94 -1.08
N ASN A 239 -17.39 -13.71 -0.93
CA ASN A 239 -16.49 -14.73 -0.43
C ASN A 239 -16.28 -14.65 1.09
N ASN A 240 -17.04 -13.77 1.74
CA ASN A 240 -16.91 -13.54 3.18
C ASN A 240 -15.49 -13.25 3.65
N GLN A 241 -14.80 -12.42 2.86
CA GLN A 241 -13.48 -11.92 3.26
C GLN A 241 -13.74 -10.57 3.87
N GLU A 242 -13.82 -10.47 5.20
CA GLU A 242 -14.24 -9.20 5.79
C GLU A 242 -13.24 -8.11 5.50
N HIS A 243 -13.78 -6.93 5.26
CA HIS A 243 -12.91 -5.80 4.95
C HIS A 243 -13.70 -4.53 5.19
N ILE A 244 -12.96 -3.44 5.24
CA ILE A 244 -13.57 -2.09 5.27
C ILE A 244 -13.66 -1.59 3.82
N TRP A 245 -14.86 -1.14 3.42
CA TRP A 245 -15.03 -0.48 2.11
C TRP A 245 -15.65 0.89 2.33
N PHE A 246 -15.12 1.92 1.68
CA PHE A 246 -15.82 3.20 1.71
C PHE A 246 -15.45 4.00 0.49
N GLU A 247 -16.31 5.00 0.22
CA GLU A 247 -16.15 5.83 -0.95
C GLU A 247 -15.89 7.27 -0.54
N VAL A 248 -15.15 7.96 -1.38
CA VAL A 248 -14.79 9.34 -1.10
C VAL A 248 -15.65 10.23 -2.02
N PRO A 249 -16.65 10.91 -1.48
CA PRO A 249 -17.69 11.56 -2.31
C PRO A 249 -17.13 12.62 -3.23
N GLY A 250 -17.40 12.45 -4.53
CA GLY A 250 -16.96 13.45 -5.50
C GLY A 250 -15.52 13.33 -5.96
N ALA A 251 -14.72 12.52 -5.28
CA ALA A 251 -13.29 12.43 -5.62
C ALA A 251 -13.07 11.61 -6.86
N ASP A 252 -12.02 12.01 -7.59
CA ASP A 252 -11.55 11.29 -8.76
C ASP A 252 -10.36 10.43 -8.35
N HIS A 253 -9.51 10.14 -9.33
CA HIS A 253 -8.32 9.27 -9.16
C HIS A 253 -7.19 10.11 -8.60
N ASP A 254 -7.32 10.52 -7.34
CA ASP A 254 -6.59 11.70 -6.89
C ASP A 254 -6.21 11.61 -5.40
N TRP A 255 -5.49 12.66 -4.94
CA TRP A 255 -4.95 12.61 -3.57
C TRP A 255 -6.02 12.77 -2.50
N ASN A 256 -7.22 13.25 -2.84
CA ASN A 256 -8.32 13.20 -1.87
C ASN A 256 -8.69 11.76 -1.59
N ALA A 257 -8.74 10.93 -2.64
CA ALA A 257 -9.06 9.51 -2.42
C ALA A 257 -7.92 8.79 -1.71
N ILE A 258 -6.68 9.12 -2.10
CA ILE A 258 -5.51 8.42 -1.50
C ILE A 258 -5.40 8.79 -0.02
N SER A 259 -5.46 10.08 0.29
CA SER A 259 -5.25 10.49 1.68
C SER A 259 -6.35 9.94 2.56
N ALA A 260 -7.60 9.90 2.07
CA ALA A 260 -8.69 9.31 2.89
C ALA A 260 -8.39 7.84 3.15
N GLY A 261 -7.88 7.16 2.13
CA GLY A 261 -7.53 5.75 2.33
C GLY A 261 -6.43 5.57 3.38
N PHE A 262 -5.36 6.35 3.23
CA PHE A 262 -4.18 6.14 4.10
C PHE A 262 -4.50 6.58 5.55
N TYR A 263 -5.31 7.64 5.67
CA TYR A 263 -5.74 8.13 6.98
C TYR A 263 -6.51 7.06 7.76
N ASN A 264 -7.46 6.43 7.10
CA ASN A 264 -8.23 5.38 7.78
C ASN A 264 -7.37 4.14 8.01
N PHE A 265 -6.56 3.80 7.01
CA PHE A 265 -5.70 2.61 7.15
C PHE A 265 -4.74 2.68 8.33
N ILE A 266 -4.05 3.82 8.46
CA ILE A 266 -3.01 3.94 9.49
C ILE A 266 -3.62 4.01 10.92
N GLN A 267 -4.91 4.37 11.01
CA GLN A 267 -5.58 4.28 12.30
C GLN A 267 -5.74 2.84 12.77
N THR A 268 -5.68 1.91 11.82
CA THR A 268 -5.93 0.49 12.16
C THR A 268 -4.67 -0.33 12.30
N THR A 269 -3.57 0.14 11.72
CA THR A 269 -2.41 -0.73 11.69
C THR A 269 -1.73 -0.98 13.04
N PHE A 270 -1.21 -2.20 13.19
CA PHE A 270 -0.33 -2.56 14.32
C PHE A 270 -0.99 -2.40 15.71
N GLY A 271 -2.29 -2.64 15.76
CA GLY A 271 -3.04 -2.63 17.00
C GLY A 271 -3.33 -1.24 17.58
N ALA A 272 -3.28 -0.21 16.74
CA ALA A 272 -3.43 1.17 17.23
C ALA A 272 -4.80 1.44 17.90
N LEU A 273 -5.81 0.67 17.51
CA LEU A 273 -7.13 0.82 18.11
C LEU A 273 -7.22 0.10 19.48
N ASN A 274 -6.13 -0.57 19.85
CA ASN A 274 -6.04 -1.46 21.03
C ASN A 274 -6.84 -2.74 20.85
#